data_2CNK
#
_entry.id   2CNK
#
_cell.length_a   66.784
_cell.length_b   83.786
_cell.length_c   96.453
_cell.angle_alpha   90.00
_cell.angle_beta   90.00
_cell.angle_gamma   90.00
#
_symmetry.space_group_name_H-M   'I 2 2 2'
#
loop_
_entity.id
_entity.type
_entity.pdbx_description
1 polymer 'CASPASE-3 P17 SUBUNIT'
2 polymer 'CASPASE-3 P12 SUBUNIT'
3 polymer 'AZA-PEPTIDE EXPOXIDE'
4 water water
#
loop_
_entity_poly.entity_id
_entity_poly.type
_entity_poly.pdbx_seq_one_letter_code
_entity_poly.pdbx_strand_id
1 'polypeptide(L)'
;SGISLDNSYKMDYPEMGLCIIINNKNFHKSTGMTSRSGTDVDAANLRETFRNLKYEVRNKNDLTREEIVELMRDVSKEDH
SKRSSFVCVLLSHGEEGIIFGTNGPVDLKKITNFFRGDRCRSLTGKPKLFIIQACRGTELDCGIETD
;
A
2 'polypeptide(L)'
;ASGVDDDMACHKIPVEADFLYAYSTAPGYYSWRNSKDGSWFIQSLCAMLKQYADKLEFMHILTRVNRKVATEFESFSFDA
TFHAKKQIPCIVSMLTKELYFYH
;
B
3 'polypeptide(L)' (PHQ)DEV(MY2) I
#
loop_
_chem_comp.id
_chem_comp.type
_chem_comp.name
_chem_comp.formula
MY2 non-polymer '{1-[(3S)-4-(BENZYLOXY)-3-HYDROXY-4-OXOBUTANOYL]HYDRAZINO}ACETIC ACID' 'C13 H16 N2 O6'
PHQ non-polymer 'benzyl chlorocarbonate' 'C8 H7 Cl O2'
#
# COMPACT_ATOMS: atom_id res chain seq x y z
N SER A 1 -15.09 -32.89 -10.88
CA SER A 1 -14.64 -32.95 -9.46
C SER A 1 -15.74 -32.47 -8.52
N GLY A 2 -15.40 -32.25 -7.26
CA GLY A 2 -16.37 -31.79 -6.29
C GLY A 2 -16.72 -30.33 -6.42
N ILE A 3 -17.52 -29.85 -5.47
CA ILE A 3 -17.96 -28.45 -5.44
C ILE A 3 -16.78 -27.47 -5.38
N SER A 4 -16.79 -26.50 -6.29
CA SER A 4 -15.75 -25.47 -6.35
C SER A 4 -16.41 -24.13 -6.01
N LEU A 5 -15.81 -23.38 -5.08
CA LEU A 5 -16.40 -22.11 -4.65
C LEU A 5 -15.76 -20.82 -5.16
N ASP A 6 -14.45 -20.83 -5.37
CA ASP A 6 -13.75 -19.63 -5.87
C ASP A 6 -13.97 -18.38 -5.02
N ASN A 7 -13.83 -18.50 -3.71
CA ASN A 7 -14.02 -17.34 -2.83
C ASN A 7 -12.69 -16.65 -2.52
N SER A 8 -11.59 -17.28 -2.90
CA SER A 8 -10.27 -16.70 -2.65
C SER A 8 -9.44 -16.63 -3.93
N TYR A 9 -8.59 -15.62 -4.02
CA TYR A 9 -7.73 -15.45 -5.19
C TYR A 9 -6.78 -16.63 -5.34
N LYS A 10 -6.52 -17.01 -6.58
CA LYS A 10 -5.59 -18.10 -6.86
C LYS A 10 -4.20 -17.54 -6.55
N MET A 11 -3.57 -18.05 -5.50
CA MET A 11 -2.25 -17.57 -5.11
C MET A 11 -1.16 -18.64 -5.25
N ASP A 12 -1.42 -19.64 -6.09
CA ASP A 12 -0.45 -20.70 -6.29
C ASP A 12 0.21 -20.68 -7.67
N TYR A 13 0.27 -19.50 -8.27
CA TYR A 13 0.96 -19.37 -9.56
C TYR A 13 2.43 -19.63 -9.24
N PRO A 14 3.26 -19.86 -10.27
CA PRO A 14 4.68 -20.11 -10.04
C PRO A 14 5.37 -19.04 -9.20
N GLU A 15 4.94 -17.80 -9.37
CA GLU A 15 5.51 -16.66 -8.64
C GLU A 15 4.42 -15.92 -7.87
N MET A 16 4.75 -15.44 -6.67
CA MET A 16 3.78 -14.68 -5.89
C MET A 16 3.59 -13.34 -6.61
N GLY A 17 4.68 -12.84 -7.20
CA GLY A 17 4.62 -11.58 -7.91
C GLY A 17 5.66 -10.58 -7.44
N LEU A 18 5.61 -9.37 -8.00
CA LEU A 18 6.56 -8.34 -7.64
C LEU A 18 6.10 -7.52 -6.44
N CYS A 19 7.06 -6.98 -5.72
CA CYS A 19 6.80 -6.09 -4.60
C CYS A 19 7.75 -4.94 -4.86
N ILE A 20 7.22 -3.87 -5.44
CA ILE A 20 8.02 -2.70 -5.78
C ILE A 20 7.97 -1.70 -4.63
N ILE A 21 9.14 -1.39 -4.07
CA ILE A 21 9.21 -0.45 -2.98
C ILE A 21 9.88 0.84 -3.43
N ILE A 22 9.16 1.95 -3.35
CA ILE A 22 9.73 3.25 -3.71
C ILE A 22 9.98 3.96 -2.38
N ASN A 23 11.27 4.10 -2.07
CA ASN A 23 11.69 4.71 -0.82
C ASN A 23 12.31 6.09 -1.01
N ASN A 24 11.51 7.13 -0.82
CA ASN A 24 12.01 8.49 -0.97
C ASN A 24 12.36 9.12 0.37
N LYS A 25 13.66 9.25 0.61
CA LYS A 25 14.17 9.81 1.86
C LYS A 25 14.68 11.24 1.69
N ASN A 26 15.44 11.47 0.62
CA ASN A 26 16.01 12.79 0.35
C ASN A 26 15.33 13.47 -0.82
N PHE A 27 14.95 14.73 -0.62
CA PHE A 27 14.28 15.48 -1.67
C PHE A 27 15.13 16.65 -2.13
N HIS A 28 14.92 17.09 -3.37
CA HIS A 28 15.67 18.20 -3.92
C HIS A 28 15.44 19.46 -3.09
N LYS A 29 16.52 20.19 -2.83
CA LYS A 29 16.45 21.42 -2.04
C LYS A 29 15.42 22.36 -2.64
N SER A 30 15.29 22.34 -3.95
CA SER A 30 14.36 23.18 -4.67
C SER A 30 12.90 23.01 -4.23
N THR A 31 12.56 21.83 -3.73
CA THR A 31 11.19 21.56 -3.29
C THR A 31 10.91 22.03 -1.87
N GLY A 32 11.97 22.18 -1.08
CA GLY A 32 11.80 22.60 0.29
C GLY A 32 11.29 21.49 1.21
N MET A 33 11.24 20.26 0.70
CA MET A 33 10.77 19.14 1.50
C MET A 33 11.90 18.56 2.35
N THR A 34 11.58 18.25 3.60
CA THR A 34 12.56 17.70 4.53
C THR A 34 12.85 16.23 4.30
N SER A 35 14.01 15.79 4.75
CA SER A 35 14.40 14.38 4.62
C SER A 35 13.50 13.56 5.54
N ARG A 36 13.20 12.34 5.13
CA ARG A 36 12.33 11.47 5.92
C ARG A 36 13.12 10.45 6.73
N SER A 37 13.73 10.92 7.82
CA SER A 37 14.51 10.06 8.68
C SER A 37 13.71 8.85 9.14
N GLY A 38 14.36 7.69 9.13
CA GLY A 38 13.70 6.47 9.55
C GLY A 38 13.06 5.67 8.43
N THR A 39 12.92 6.28 7.25
CA THR A 39 12.29 5.57 6.14
C THR A 39 13.10 4.36 5.67
N ASP A 40 14.42 4.39 5.86
CA ASP A 40 15.25 3.27 5.44
C ASP A 40 14.93 2.05 6.30
N VAL A 41 14.55 2.29 7.54
CA VAL A 41 14.18 1.21 8.45
C VAL A 41 12.91 0.55 7.89
N ASP A 42 11.99 1.38 7.42
CA ASP A 42 10.73 0.89 6.84
C ASP A 42 11.03 0.06 5.59
N ALA A 43 11.85 0.61 4.70
CA ALA A 43 12.20 -0.07 3.46
C ALA A 43 12.83 -1.44 3.70
N ALA A 44 13.75 -1.50 4.65
CA ALA A 44 14.43 -2.76 4.96
C ALA A 44 13.46 -3.77 5.55
N ASN A 45 12.60 -3.30 6.46
CA ASN A 45 11.62 -4.16 7.10
C ASN A 45 10.69 -4.76 6.04
N LEU A 46 10.25 -3.93 5.11
CA LEU A 46 9.37 -4.38 4.04
C LEU A 46 10.06 -5.39 3.14
N ARG A 47 11.32 -5.15 2.82
CA ARG A 47 12.06 -6.07 1.96
C ARG A 47 12.12 -7.46 2.60
N GLU A 48 12.44 -7.51 3.89
CA GLU A 48 12.53 -8.78 4.62
C GLU A 48 11.17 -9.45 4.76
N THR A 49 10.16 -8.67 5.11
CA THR A 49 8.81 -9.20 5.30
C THR A 49 8.25 -9.82 4.03
N PHE A 50 8.31 -9.09 2.93
CA PHE A 50 7.79 -9.61 1.67
C PHE A 50 8.69 -10.67 1.06
N ARG A 51 9.97 -10.68 1.42
CA ARG A 51 10.88 -11.71 0.93
C ARG A 51 10.41 -13.05 1.48
N ASN A 52 10.03 -13.05 2.76
CA ASN A 52 9.57 -14.28 3.40
C ASN A 52 8.19 -14.73 2.92
N LEU A 53 7.49 -13.85 2.19
CA LEU A 53 6.19 -14.21 1.64
C LEU A 53 6.40 -14.67 0.21
N LYS A 54 7.67 -14.72 -0.19
CA LYS A 54 8.11 -15.17 -1.52
C LYS A 54 7.88 -14.18 -2.66
N TYR A 55 7.84 -12.90 -2.35
CA TYR A 55 7.67 -11.89 -3.39
C TYR A 55 9.04 -11.51 -3.95
N GLU A 56 9.04 -11.07 -5.21
CA GLU A 56 10.26 -10.63 -5.86
C GLU A 56 10.33 -9.14 -5.49
N VAL A 57 11.10 -8.83 -4.45
CA VAL A 57 11.21 -7.45 -3.99
C VAL A 57 12.23 -6.64 -4.77
N ARG A 58 11.81 -5.47 -5.23
CA ARG A 58 12.68 -4.56 -5.97
C ARG A 58 12.57 -3.20 -5.30
N ASN A 59 13.69 -2.70 -4.81
CA ASN A 59 13.70 -1.40 -4.14
C ASN A 59 14.30 -0.30 -5.01
N LYS A 60 13.77 0.91 -4.83
CA LYS A 60 14.25 2.09 -5.55
C LYS A 60 14.28 3.22 -4.54
N ASN A 61 15.38 3.96 -4.50
CA ASN A 61 15.51 5.07 -3.55
C ASN A 61 15.54 6.42 -4.25
N ASP A 62 14.96 7.41 -3.58
CA ASP A 62 14.93 8.80 -4.06
C ASP A 62 14.66 8.96 -5.55
N LEU A 63 13.44 8.64 -5.96
CA LEU A 63 13.07 8.78 -7.37
C LEU A 63 12.33 10.07 -7.63
N THR A 64 12.63 10.70 -8.76
CA THR A 64 11.96 11.93 -9.18
C THR A 64 10.57 11.54 -9.62
N ARG A 65 9.71 12.52 -9.85
CA ARG A 65 8.36 12.23 -10.30
C ARG A 65 8.41 11.52 -11.66
N GLU A 66 9.37 11.90 -12.49
CA GLU A 66 9.51 11.27 -13.81
C GLU A 66 9.91 9.81 -13.67
N GLU A 67 10.86 9.53 -12.79
CA GLU A 67 11.34 8.18 -12.57
C GLU A 67 10.28 7.27 -11.97
N ILE A 68 9.42 7.84 -11.14
CA ILE A 68 8.35 7.07 -10.52
C ILE A 68 7.39 6.59 -11.60
N VAL A 69 6.99 7.52 -12.48
CA VAL A 69 6.07 7.18 -13.55
C VAL A 69 6.70 6.17 -14.51
N GLU A 70 7.97 6.39 -14.86
CA GLU A 70 8.69 5.49 -15.76
C GLU A 70 8.78 4.08 -15.17
N LEU A 71 9.07 4.01 -13.87
CA LEU A 71 9.18 2.74 -13.18
C LEU A 71 7.86 1.99 -13.22
N MET A 72 6.78 2.67 -12.85
CA MET A 72 5.46 2.07 -12.84
C MET A 72 5.05 1.62 -14.24
N ARG A 73 5.30 2.47 -15.23
CA ARG A 73 4.95 2.14 -16.60
C ARG A 73 5.68 0.87 -17.04
N ASP A 74 6.99 0.84 -16.83
CA ASP A 74 7.81 -0.31 -17.21
C ASP A 74 7.35 -1.59 -16.53
N VAL A 75 7.12 -1.52 -15.23
CA VAL A 75 6.68 -2.69 -14.48
C VAL A 75 5.31 -3.18 -14.96
N SER A 76 4.41 -2.25 -15.27
CA SER A 76 3.08 -2.62 -15.74
C SER A 76 3.12 -3.29 -17.11
N LYS A 77 4.19 -3.04 -17.85
CA LYS A 77 4.33 -3.62 -19.19
C LYS A 77 5.04 -4.96 -19.20
N GLU A 78 5.45 -5.43 -18.04
CA GLU A 78 6.10 -6.73 -17.92
C GLU A 78 5.02 -7.80 -18.05
N ASP A 79 5.43 -9.03 -18.35
CA ASP A 79 4.49 -10.13 -18.46
C ASP A 79 4.31 -10.73 -17.08
N HIS A 80 3.15 -10.48 -16.47
CA HIS A 80 2.84 -10.98 -15.13
C HIS A 80 2.04 -12.28 -15.18
N SER A 81 2.00 -12.93 -16.34
CA SER A 81 1.23 -14.17 -16.50
C SER A 81 1.46 -15.26 -15.44
N LYS A 82 2.70 -15.46 -15.02
CA LYS A 82 3.02 -16.47 -14.03
C LYS A 82 3.07 -15.95 -12.60
N ARG A 83 2.60 -14.72 -12.40
CA ARG A 83 2.61 -14.11 -11.06
C ARG A 83 1.20 -14.06 -10.49
N SER A 84 1.06 -14.38 -9.20
CA SER A 84 -0.24 -14.39 -8.54
C SER A 84 -0.81 -13.02 -8.23
N SER A 85 0.07 -12.06 -7.98
CA SER A 85 -0.37 -10.73 -7.60
C SER A 85 0.67 -9.66 -7.87
N PHE A 86 0.38 -8.45 -7.42
CA PHE A 86 1.29 -7.33 -7.57
C PHE A 86 1.23 -6.47 -6.33
N VAL A 87 2.39 -6.06 -5.84
CA VAL A 87 2.45 -5.21 -4.65
C VAL A 87 3.37 -4.02 -4.89
N CYS A 88 2.91 -2.85 -4.49
CA CYS A 88 3.70 -1.63 -4.62
C CYS A 88 3.60 -0.87 -3.30
N VAL A 89 4.75 -0.52 -2.75
CA VAL A 89 4.79 0.24 -1.49
C VAL A 89 5.38 1.61 -1.79
N LEU A 90 4.69 2.66 -1.38
CA LEU A 90 5.14 4.02 -1.59
C LEU A 90 5.46 4.67 -0.25
N LEU A 91 6.72 5.07 -0.07
CA LEU A 91 7.16 5.71 1.17
C LEU A 91 7.66 7.11 0.81
N SER A 92 6.89 8.12 1.18
CA SER A 92 7.29 9.49 0.84
C SER A 92 6.37 10.53 1.47
N HIS A 93 6.61 11.78 1.15
CA HIS A 93 5.75 12.86 1.64
C HIS A 93 4.53 12.75 0.73
N GLY A 94 3.41 13.31 1.14
CA GLY A 94 2.24 13.24 0.31
C GLY A 94 1.08 14.05 0.84
N GLU A 95 0.01 14.09 0.06
CA GLU A 95 -1.21 14.79 0.46
C GLU A 95 -2.31 13.92 -0.10
N GLU A 96 -3.56 14.30 0.11
CA GLU A 96 -4.65 13.48 -0.38
C GLU A 96 -4.53 13.23 -1.88
N GLY A 97 -4.44 11.96 -2.26
CA GLY A 97 -4.34 11.56 -3.65
C GLY A 97 -3.00 11.82 -4.33
N ILE A 98 -2.01 12.25 -3.56
CA ILE A 98 -0.70 12.56 -4.13
C ILE A 98 0.47 11.94 -3.37
N ILE A 99 1.50 11.57 -4.12
CA ILE A 99 2.71 11.00 -3.54
C ILE A 99 3.85 11.83 -4.14
N PHE A 100 4.80 12.25 -3.32
CA PHE A 100 5.88 13.08 -3.84
C PHE A 100 7.14 12.40 -4.33
N GLY A 101 7.54 12.80 -5.54
CA GLY A 101 8.79 12.31 -6.09
C GLY A 101 9.77 13.27 -5.45
N THR A 102 11.06 13.10 -5.71
CA THR A 102 12.06 13.97 -5.10
C THR A 102 12.05 15.40 -5.64
N ASN A 103 11.37 15.61 -6.76
CA ASN A 103 11.33 16.93 -7.39
C ASN A 103 9.91 17.42 -7.66
N GLY A 104 8.92 16.74 -7.09
CA GLY A 104 7.55 17.16 -7.33
C GLY A 104 6.55 16.05 -7.09
N PRO A 105 5.25 16.38 -7.11
CA PRO A 105 4.16 15.42 -6.89
C PRO A 105 3.80 14.52 -8.07
N VAL A 106 3.20 13.39 -7.75
CA VAL A 106 2.74 12.41 -8.71
C VAL A 106 1.35 12.00 -8.24
N ASP A 107 0.35 12.13 -9.12
CA ASP A 107 -1.00 11.73 -8.77
C ASP A 107 -1.03 10.22 -8.59
N LEU A 108 -1.60 9.75 -7.48
CA LEU A 108 -1.67 8.32 -7.24
C LEU A 108 -2.44 7.64 -8.37
N LYS A 109 -3.45 8.32 -8.89
CA LYS A 109 -4.25 7.77 -9.99
C LYS A 109 -3.39 7.48 -11.22
N LYS A 110 -2.41 8.33 -11.48
CA LYS A 110 -1.53 8.14 -12.63
C LYS A 110 -0.72 6.85 -12.46
N ILE A 111 -0.32 6.58 -11.23
CA ILE A 111 0.46 5.38 -10.92
C ILE A 111 -0.40 4.12 -11.02
N THR A 112 -1.56 4.13 -10.38
CA THR A 112 -2.43 2.97 -10.39
C THR A 112 -3.10 2.67 -11.74
N ASN A 113 -3.31 3.70 -12.56
CA ASN A 113 -3.95 3.49 -13.86
C ASN A 113 -3.19 2.52 -14.74
N PHE A 114 -1.86 2.48 -14.61
CA PHE A 114 -1.06 1.57 -15.41
C PHE A 114 -1.46 0.12 -15.17
N PHE A 115 -2.03 -0.14 -14.00
CA PHE A 115 -2.42 -1.49 -13.61
C PHE A 115 -3.91 -1.80 -13.73
N ARG A 116 -4.66 -0.91 -14.36
CA ARG A 116 -6.09 -1.12 -14.56
C ARG A 116 -6.32 -2.46 -15.25
N GLY A 117 -7.50 -3.05 -15.01
CA GLY A 117 -7.80 -4.33 -15.61
C GLY A 117 -7.70 -4.37 -17.13
N ASP A 118 -7.88 -3.22 -17.77
CA ASP A 118 -7.81 -3.16 -19.22
C ASP A 118 -6.45 -2.70 -19.76
N ARG A 119 -5.57 -2.25 -18.88
CA ARG A 119 -4.26 -1.78 -19.31
C ARG A 119 -3.10 -2.72 -18.97
N CYS A 120 -3.32 -3.64 -18.04
CA CYS A 120 -2.30 -4.62 -17.68
C CYS A 120 -3.06 -5.94 -17.66
N ARG A 121 -3.22 -6.53 -18.83
CA ARG A 121 -3.98 -7.78 -18.96
C ARG A 121 -3.44 -8.98 -18.20
N SER A 122 -2.13 -9.06 -18.01
CA SER A 122 -1.57 -10.19 -17.28
C SER A 122 -1.83 -10.09 -15.78
N LEU A 123 -2.46 -9.01 -15.34
CA LEU A 123 -2.82 -8.85 -13.94
C LEU A 123 -4.33 -8.76 -13.77
N THR A 124 -5.06 -8.83 -14.88
CA THR A 124 -6.52 -8.77 -14.81
C THR A 124 -7.01 -9.94 -13.95
N GLY A 125 -7.90 -9.65 -13.01
CA GLY A 125 -8.43 -10.69 -12.13
C GLY A 125 -7.51 -11.04 -10.97
N LYS A 126 -6.35 -10.40 -10.90
CA LYS A 126 -5.39 -10.67 -9.82
C LYS A 126 -5.33 -9.47 -8.88
N PRO A 127 -5.08 -9.73 -7.58
CA PRO A 127 -5.00 -8.61 -6.62
C PRO A 127 -3.81 -7.69 -6.84
N LYS A 128 -4.09 -6.40 -6.86
CA LYS A 128 -3.09 -5.36 -7.04
C LYS A 128 -3.12 -4.53 -5.78
N LEU A 129 -2.07 -4.66 -4.98
CA LEU A 129 -1.98 -4.00 -3.69
C LEU A 129 -1.07 -2.78 -3.64
N PHE A 130 -1.60 -1.67 -3.16
CA PHE A 130 -0.82 -0.45 -3.02
C PHE A 130 -0.80 -0.06 -1.56
N ILE A 131 0.39 -0.08 -0.98
CA ILE A 131 0.61 0.24 0.43
C ILE A 131 1.23 1.63 0.48
N ILE A 132 0.53 2.58 1.08
CA ILE A 132 0.97 3.96 1.10
C ILE A 132 1.23 4.62 2.44
N GLN A 133 2.50 4.98 2.67
CA GLN A 133 2.92 5.68 3.88
C GLN A 133 3.17 7.11 3.44
N ALA A 134 2.21 7.98 3.73
CA ALA A 134 2.29 9.40 3.36
C ALA A 134 1.10 10.14 3.96
N CYS A 135 1.22 11.46 4.08
CA CYS A 135 0.14 12.26 4.63
C CYS A 135 -1.01 12.30 3.63
N ARG A 136 -2.21 12.58 4.15
CA ARG A 136 -3.40 12.67 3.30
C ARG A 136 -4.12 13.96 3.65
N GLY A 137 -3.41 14.86 4.33
CA GLY A 137 -3.99 16.11 4.74
C GLY A 137 -3.27 16.71 5.94
N THR A 138 -3.86 17.73 6.55
CA THR A 138 -3.27 18.40 7.70
C THR A 138 -4.09 18.26 8.99
N GLU A 139 -5.01 17.33 9.03
CA GLU A 139 -5.81 17.17 10.24
C GLU A 139 -5.04 16.35 11.27
N LEU A 140 -5.28 16.65 12.54
CA LEU A 140 -4.64 15.94 13.63
C LEU A 140 -5.71 15.30 14.50
N ASP A 141 -5.45 14.07 14.92
CA ASP A 141 -6.39 13.32 15.75
C ASP A 141 -5.96 13.41 17.21
N CYS A 142 -6.74 14.14 18.02
CA CYS A 142 -6.40 14.31 19.43
C CYS A 142 -6.72 13.07 20.26
N GLY A 143 -7.41 12.12 19.65
CA GLY A 143 -7.76 10.88 20.34
C GLY A 143 -8.75 11.06 21.48
N ILE A 144 -9.12 9.93 22.09
CA ILE A 144 -10.05 9.94 23.22
C ILE A 144 -9.63 8.85 24.19
N GLU A 145 -9.60 9.18 25.47
CA GLU A 145 -9.22 8.22 26.51
C GLU A 145 -10.21 7.07 26.55
N THR A 146 -9.70 5.85 26.64
CA THR A 146 -10.55 4.67 26.69
C THR A 146 -10.54 4.04 28.08
N ALA B 1 -36.96 -13.56 -12.56
CA ALA B 1 -36.79 -12.10 -12.78
C ALA B 1 -35.86 -11.84 -13.97
N SER B 2 -36.00 -10.67 -14.56
CA SER B 2 -35.18 -10.27 -15.70
C SER B 2 -35.04 -8.75 -15.72
N GLY B 3 -33.96 -8.27 -16.29
CA GLY B 3 -33.73 -6.84 -16.37
C GLY B 3 -32.75 -6.45 -17.45
N VAL B 4 -32.53 -5.16 -17.58
CA VAL B 4 -31.62 -4.62 -18.60
C VAL B 4 -30.15 -4.55 -18.20
N ASP B 5 -29.87 -4.70 -16.91
CA ASP B 5 -28.49 -4.58 -16.44
C ASP B 5 -27.82 -5.77 -15.78
N ASP B 6 -28.30 -6.99 -16.04
CA ASP B 6 -27.69 -8.16 -15.42
C ASP B 6 -27.57 -9.32 -16.41
N ASP B 7 -26.74 -10.29 -16.03
CA ASP B 7 -26.52 -11.49 -16.83
C ASP B 7 -26.14 -11.22 -18.29
N MET B 8 -25.08 -10.46 -18.50
CA MET B 8 -24.60 -10.13 -19.83
C MET B 8 -24.00 -11.37 -20.49
N ALA B 9 -24.15 -11.49 -21.80
CA ALA B 9 -23.61 -12.63 -22.54
C ALA B 9 -22.09 -12.62 -22.45
N CYS B 10 -21.50 -11.44 -22.66
CA CYS B 10 -20.06 -11.27 -22.59
C CYS B 10 -19.71 -10.79 -21.19
N HIS B 11 -19.00 -11.63 -20.45
CA HIS B 11 -18.61 -11.29 -19.07
C HIS B 11 -17.49 -10.27 -19.01
N LYS B 12 -17.69 -9.25 -18.20
CA LYS B 12 -16.68 -8.20 -18.01
C LYS B 12 -16.60 -7.86 -16.54
N ILE B 13 -15.49 -7.25 -16.15
CA ILE B 13 -15.30 -6.81 -14.77
C ILE B 13 -14.87 -5.36 -14.85
N PRO B 14 -15.07 -4.60 -13.77
CA PRO B 14 -14.68 -3.19 -13.76
C PRO B 14 -13.17 -3.08 -13.91
N VAL B 15 -12.69 -2.04 -14.58
CA VAL B 15 -11.25 -1.88 -14.75
C VAL B 15 -10.63 -1.47 -13.41
N GLU B 16 -11.47 -1.02 -12.48
CA GLU B 16 -11.00 -0.58 -11.17
C GLU B 16 -11.10 -1.71 -10.14
N ALA B 17 -11.59 -2.87 -10.57
CA ALA B 17 -11.73 -4.00 -9.66
C ALA B 17 -10.39 -4.66 -9.33
N ASP B 18 -10.35 -5.34 -8.19
CA ASP B 18 -9.18 -6.06 -7.71
C ASP B 18 -8.00 -5.21 -7.25
N PHE B 19 -8.31 -4.02 -6.75
CA PHE B 19 -7.29 -3.12 -6.21
C PHE B 19 -7.53 -3.02 -4.72
N LEU B 20 -6.46 -2.89 -3.96
CA LEU B 20 -6.57 -2.69 -2.52
C LEU B 20 -5.54 -1.64 -2.17
N TYR B 21 -5.98 -0.61 -1.44
CA TYR B 21 -5.09 0.45 -1.02
C TYR B 21 -5.01 0.41 0.49
N ALA B 22 -3.82 0.17 1.01
CA ALA B 22 -3.62 0.14 2.44
C ALA B 22 -2.98 1.47 2.81
N TYR B 23 -3.81 2.42 3.22
CA TYR B 23 -3.36 3.75 3.61
C TYR B 23 -2.92 3.76 5.07
N SER B 24 -1.87 4.52 5.36
CA SER B 24 -1.35 4.60 6.72
C SER B 24 -2.23 5.41 7.65
N THR B 25 -3.04 6.30 7.08
CA THR B 25 -3.86 7.18 7.91
C THR B 25 -5.21 7.48 7.26
N ALA B 26 -6.12 8.04 8.06
CA ALA B 26 -7.45 8.37 7.59
C ALA B 26 -7.42 9.53 6.59
N PRO B 27 -8.43 9.61 5.72
CA PRO B 27 -8.48 10.69 4.72
C PRO B 27 -8.39 12.06 5.39
N GLY B 28 -7.52 12.92 4.87
CA GLY B 28 -7.38 14.26 5.41
C GLY B 28 -6.44 14.43 6.59
N TYR B 29 -5.88 13.34 7.09
CA TYR B 29 -4.99 13.41 8.24
C TYR B 29 -3.50 13.24 7.97
N TYR B 30 -2.69 13.73 8.90
CA TYR B 30 -1.24 13.58 8.81
C TYR B 30 -0.95 12.11 9.07
N SER B 31 0.24 11.67 8.72
CA SER B 31 0.68 10.30 8.94
C SER B 31 1.96 10.45 9.76
N TRP B 32 2.12 9.64 10.80
CA TRP B 32 3.28 9.73 11.67
C TRP B 32 4.44 8.77 11.42
N ARG B 33 5.65 9.27 11.61
CA ARG B 33 6.85 8.48 11.41
C ARG B 33 7.88 8.78 12.49
N ASN B 34 8.39 7.73 13.12
CA ASN B 34 9.41 7.90 14.15
C ASN B 34 10.75 8.00 13.43
N SER B 35 11.45 9.12 13.63
CA SER B 35 12.73 9.36 12.97
C SER B 35 13.76 8.25 13.16
N LYS B 36 13.53 7.37 14.13
CA LYS B 36 14.46 6.29 14.40
C LYS B 36 13.94 4.89 14.05
N ASP B 37 12.71 4.59 14.46
CA ASP B 37 12.13 3.26 14.24
C ASP B 37 11.30 3.10 12.96
N GLY B 38 11.05 4.20 12.26
CA GLY B 38 10.25 4.12 11.04
C GLY B 38 8.81 4.53 11.30
N SER B 39 7.99 4.51 10.26
CA SER B 39 6.59 4.90 10.39
C SER B 39 5.80 3.91 11.24
N TRP B 40 4.81 4.42 11.98
CA TRP B 40 3.99 3.56 12.82
C TRP B 40 3.29 2.50 11.97
N PHE B 41 2.78 2.93 10.83
CA PHE B 41 2.06 2.05 9.92
C PHE B 41 2.91 0.91 9.35
N ILE B 42 4.05 1.24 8.76
CA ILE B 42 4.89 0.20 8.19
C ILE B 42 5.44 -0.71 9.28
N GLN B 43 5.83 -0.14 10.43
CA GLN B 43 6.33 -0.93 11.55
C GLN B 43 5.28 -2.00 11.86
N SER B 44 4.05 -1.54 12.05
CA SER B 44 2.94 -2.41 12.41
C SER B 44 2.54 -3.40 11.33
N LEU B 45 2.52 -2.93 10.08
CA LEU B 45 2.17 -3.81 8.97
C LEU B 45 3.13 -4.98 8.89
N CYS B 46 4.44 -4.70 8.94
CA CYS B 46 5.42 -5.79 8.87
C CYS B 46 5.29 -6.75 10.05
N ALA B 47 5.04 -6.22 11.24
CA ALA B 47 4.88 -7.07 12.41
C ALA B 47 3.69 -8.00 12.26
N MET B 48 2.56 -7.48 11.79
CA MET B 48 1.37 -8.30 11.64
C MET B 48 1.50 -9.31 10.50
N LEU B 49 2.18 -8.93 9.42
CA LEU B 49 2.39 -9.86 8.31
C LEU B 49 3.30 -11.00 8.78
N LYS B 50 4.34 -10.64 9.51
CA LYS B 50 5.29 -11.63 10.01
C LYS B 50 4.60 -12.63 10.94
N GLN B 51 3.64 -12.15 11.73
CA GLN B 51 2.95 -13.00 12.67
C GLN B 51 1.71 -13.71 12.16
N TYR B 52 1.01 -13.12 11.19
CA TYR B 52 -0.23 -13.71 10.70
C TYR B 52 -0.39 -14.04 9.23
N ALA B 53 0.62 -13.76 8.40
CA ALA B 53 0.51 -14.03 6.97
C ALA B 53 0.22 -15.49 6.63
N ASP B 54 0.63 -16.41 7.49
CA ASP B 54 0.39 -17.83 7.22
C ASP B 54 -0.80 -18.34 8.04
N LYS B 55 -1.61 -17.43 8.55
CA LYS B 55 -2.75 -17.81 9.38
C LYS B 55 -4.07 -17.07 9.08
N LEU B 56 -3.99 -15.80 8.70
CA LEU B 56 -5.19 -15.01 8.46
C LEU B 56 -5.34 -14.43 7.06
N GLU B 57 -6.60 -14.16 6.69
CA GLU B 57 -6.91 -13.56 5.40
C GLU B 57 -6.40 -12.12 5.49
N PHE B 58 -6.00 -11.55 4.36
CA PHE B 58 -5.41 -10.20 4.33
C PHE B 58 -6.19 -9.08 5.02
N MET B 59 -7.51 -9.00 4.80
CA MET B 59 -8.29 -7.93 5.44
C MET B 59 -8.21 -8.06 6.96
N HIS B 60 -8.17 -9.29 7.46
CA HIS B 60 -8.09 -9.49 8.90
C HIS B 60 -6.71 -9.12 9.42
N ILE B 61 -5.69 -9.29 8.58
CA ILE B 61 -4.34 -8.92 8.99
C ILE B 61 -4.29 -7.40 9.09
N LEU B 62 -4.83 -6.73 8.07
CA LEU B 62 -4.84 -5.27 8.05
C LEU B 62 -5.68 -4.70 9.20
N THR B 63 -6.69 -5.43 9.63
CA THR B 63 -7.52 -4.97 10.75
C THR B 63 -6.67 -4.99 12.02
N ARG B 64 -5.79 -5.98 12.14
CA ARG B 64 -4.91 -6.08 13.31
C ARG B 64 -3.93 -4.92 13.25
N VAL B 65 -3.51 -4.53 12.04
CA VAL B 65 -2.59 -3.41 11.88
C VAL B 65 -3.32 -2.14 12.34
N ASN B 66 -4.60 -2.02 11.97
CA ASN B 66 -5.39 -0.86 12.37
C ASN B 66 -5.40 -0.76 13.90
N ARG B 67 -5.68 -1.88 14.57
CA ARG B 67 -5.73 -1.86 16.03
C ARG B 67 -4.39 -1.55 16.68
N LYS B 68 -3.31 -2.12 16.13
CA LYS B 68 -1.97 -1.89 16.68
C LYS B 68 -1.60 -0.40 16.63
N VAL B 69 -1.77 0.20 15.46
CA VAL B 69 -1.44 1.62 15.30
C VAL B 69 -2.32 2.50 16.18
N ALA B 70 -3.62 2.24 16.16
CA ALA B 70 -4.58 3.01 16.93
C ALA B 70 -4.39 2.97 18.45
N THR B 71 -4.00 1.81 18.98
CA THR B 71 -3.84 1.67 20.42
C THR B 71 -2.45 1.90 21.00
N GLU B 72 -1.43 1.44 20.29
CA GLU B 72 -0.06 1.54 20.79
C GLU B 72 0.73 2.82 20.56
N PHE B 73 0.36 3.60 19.55
CA PHE B 73 1.11 4.80 19.22
C PHE B 73 0.44 6.14 19.55
N GLU B 74 1.27 7.10 19.96
CA GLU B 74 0.83 8.45 20.26
C GLU B 74 2.05 9.33 20.04
N SER B 75 1.89 10.42 19.30
CA SER B 75 3.02 11.29 18.98
C SER B 75 3.61 12.04 20.16
N PHE B 76 4.89 12.37 20.01
CA PHE B 76 5.63 13.15 20.99
C PHE B 76 6.23 14.30 20.21
N SER B 77 6.04 15.52 20.68
CA SER B 77 6.60 16.68 20.00
C SER B 77 6.80 17.83 20.96
N PHE B 78 7.88 18.57 20.76
CA PHE B 78 8.16 19.73 21.60
C PHE B 78 7.16 20.82 21.23
N ASP B 79 6.54 20.68 20.06
CA ASP B 79 5.53 21.63 19.60
C ASP B 79 4.18 21.07 20.06
N ALA B 80 3.53 21.78 20.98
CA ALA B 80 2.25 21.35 21.52
C ALA B 80 1.24 20.99 20.43
N THR B 81 1.28 21.72 19.33
CA THR B 81 0.37 21.48 18.21
C THR B 81 0.43 20.06 17.67
N PHE B 82 1.62 19.48 17.63
CA PHE B 82 1.81 18.14 17.09
C PHE B 82 2.05 17.07 18.15
N HIS B 83 1.85 17.42 19.41
CA HIS B 83 2.07 16.49 20.49
C HIS B 83 0.82 15.71 20.91
N ALA B 84 1.03 14.48 21.35
CA ALA B 84 -0.04 13.61 21.83
C ALA B 84 -1.13 13.31 20.82
N LYS B 85 -0.74 13.15 19.56
CA LYS B 85 -1.71 12.87 18.50
C LYS B 85 -1.82 11.39 18.19
N LYS B 86 -2.95 11.00 17.64
CA LYS B 86 -3.22 9.60 17.32
C LYS B 86 -3.36 9.36 15.81
N GLN B 87 -3.40 8.08 15.43
CA GLN B 87 -3.51 7.72 14.03
C GLN B 87 -4.26 6.41 13.83
N ILE B 88 -5.10 6.37 12.79
CA ILE B 88 -5.85 5.16 12.46
C ILE B 88 -5.64 4.91 10.97
N PRO B 89 -5.06 3.74 10.61
CA PRO B 89 -4.84 3.41 9.20
C PRO B 89 -6.18 3.26 8.49
N CYS B 90 -6.15 3.29 7.16
CA CYS B 90 -7.38 3.22 6.39
C CYS B 90 -7.32 2.19 5.26
N ILE B 91 -8.07 1.11 5.41
CA ILE B 91 -8.11 0.03 4.43
C ILE B 91 -9.14 0.36 3.36
N VAL B 92 -8.72 0.42 2.11
CA VAL B 92 -9.65 0.71 1.02
C VAL B 92 -9.62 -0.46 0.07
N SER B 93 -10.66 -1.30 0.12
CA SER B 93 -10.71 -2.48 -0.71
C SER B 93 -11.72 -2.52 -1.85
N MET B 94 -11.20 -2.78 -3.04
CA MET B 94 -12.01 -2.96 -4.23
C MET B 94 -11.73 -4.39 -4.69
N LEU B 95 -11.30 -5.23 -3.75
CA LEU B 95 -11.01 -6.62 -4.05
C LEU B 95 -12.33 -7.38 -4.22
N THR B 96 -12.28 -8.47 -4.97
CA THR B 96 -13.48 -9.26 -5.23
C THR B 96 -13.42 -10.66 -4.63
N LYS B 97 -12.31 -10.96 -3.96
CA LYS B 97 -12.12 -12.27 -3.34
C LYS B 97 -11.27 -12.14 -2.09
N GLU B 98 -11.27 -13.20 -1.28
CA GLU B 98 -10.45 -13.22 -0.08
C GLU B 98 -9.02 -13.43 -0.56
N LEU B 99 -8.05 -12.94 0.21
CA LEU B 99 -6.66 -13.07 -0.17
C LEU B 99 -5.83 -13.67 0.94
N TYR B 100 -5.21 -14.81 0.64
CA TYR B 100 -4.35 -15.51 1.59
C TYR B 100 -2.99 -15.59 0.91
N PHE B 101 -1.93 -15.27 1.65
CA PHE B 101 -0.59 -15.32 1.07
C PHE B 101 -0.08 -16.75 0.96
N TYR B 102 -0.75 -17.66 1.65
CA TYR B 102 -0.38 -19.07 1.62
C TYR B 102 -1.44 -19.85 0.85
N HIS B 103 -1.13 -21.10 0.52
CA HIS B 103 -2.08 -21.95 -0.20
C HIS B 103 -1.94 -23.40 0.25
C1 PHQ C 1 10.32 11.59 16.58
O1 PHQ C 1 10.87 10.75 15.88
O2 PHQ C 1 10.83 12.17 17.69
C2 PHQ C 1 12.17 11.78 18.11
C3 PHQ C 1 12.74 12.66 19.23
C4 PHQ C 1 12.00 13.76 19.83
C5 PHQ C 1 12.60 14.56 20.88
C6 PHQ C 1 13.94 14.26 21.34
C7 PHQ C 1 14.68 13.17 20.74
C8 PHQ C 1 14.08 12.37 19.69
N ASP C 2 9.17 12.23 16.51
CA ASP C 2 8.21 11.99 15.44
C ASP C 2 8.21 13.08 14.38
N GLU C 3 8.03 12.68 13.13
CA GLU C 3 7.96 13.63 12.02
C GLU C 3 6.70 13.25 11.27
N VAL C 4 6.17 14.16 10.45
CA VAL C 4 4.95 13.85 9.72
C VAL C 4 5.23 13.54 8.26
C2 MY2 C 5 3.21 14.53 5.63
C3 MY2 C 5 3.60 15.68 4.68
C4 MY2 C 5 3.01 16.95 5.24
O5 MY2 C 5 3.53 17.50 6.21
O6 MY2 C 5 1.89 17.41 4.59
C MY2 C 5 3.70 13.13 5.25
O MY2 C 5 3.53 12.77 4.08
N9 MY2 C 5 4.27 12.31 6.20
C10 MY2 C 5 4.70 10.94 5.80
C12 MY2 C 5 -0.13 20.36 3.59
C13 MY2 C 5 -1.24 20.70 2.70
C14 MY2 C 5 -2.21 19.67 2.31
C15 MY2 C 5 -2.06 18.29 2.80
C16 MY2 C 5 -0.94 17.96 3.69
C17 MY2 C 5 0.02 18.99 4.08
C18 MY2 C 5 6.11 10.58 6.03
C9 MY2 C 5 1.19 18.65 5.01
O19 MY2 C 5 7.00 11.43 5.85
N MY2 C 5 4.43 12.76 7.57
O20 MY2 C 5 6.32 9.39 6.40
O57 MY2 C 5 5.02 15.82 4.64
#